data_5KIC
#
_entry.id   5KIC
#
_cell.length_a   119.574
_cell.length_b   119.574
_cell.length_c   108.839
_cell.angle_alpha   90.00
_cell.angle_beta   90.00
_cell.angle_gamma   90.00
#
_symmetry.space_group_name_H-M   'P 41 21 2'
#
loop_
_entity.id
_entity.type
_entity.pdbx_description
1 polymer 'Neutrophil gelatinase-associated lipocalin'
2 non-polymer 'CALIFORNIUM ION'
3 non-polymer "N,N'-butane-1,4-diylbis[1-hydroxy-N-(3-{[(1-hydroxy-6-oxo-1,6-dihydropyridin-2-yl)carbonyl]amino}propyl)-6-oxo-1,6-dihydropyridine-2-carboxamide]"
4 non-polymer 'CHLORIDE ION'
5 non-polymer 'SULFATE ION'
6 water water
#
_entity_poly.entity_id   1
_entity_poly.type   'polypeptide(L)'
_entity_poly.pdbx_seq_one_letter_code
;GSQDSTSDLIPAPPLSKVPLQQNFQDNQFQGKWYVVGLAGNAILREDKDPQKMYATIYELKEDKSYNVTSVLFRKKKCDY
WIRTFVPGSQPGEFTLGNIKSYPGLTSYLVRVVSTNYNQHAMVFFKKVSQNREYFKITLYGRTKELTSELKENFIRFSKS
LGLPENHIVFPVPIDQCIDG
;
_entity_poly.pdbx_strand_id   A,B,C
#
# COMPACT_ATOMS: atom_id res chain seq x y z
N SER A 7 4.86 -34.30 3.39
CA SER A 7 5.15 -32.86 3.09
C SER A 7 6.53 -32.38 3.60
N ASP A 8 7.00 -31.26 3.00
CA ASP A 8 8.21 -30.51 3.41
C ASP A 8 7.86 -29.08 3.73
N LEU A 9 8.64 -28.43 4.59
CA LEU A 9 8.30 -27.11 5.07
C LEU A 9 9.53 -26.27 5.34
N ILE A 10 9.39 -24.98 5.15
CA ILE A 10 10.45 -24.08 5.48
C ILE A 10 10.47 -24.03 6.99
N PRO A 11 11.66 -24.22 7.59
CA PRO A 11 11.80 -24.18 9.05
C PRO A 11 11.31 -22.90 9.67
N ALA A 12 10.66 -23.00 10.82
CA ALA A 12 10.35 -21.81 11.59
C ALA A 12 11.62 -21.11 11.97
N PRO A 13 11.63 -19.79 11.94
CA PRO A 13 12.79 -19.08 12.38
C PRO A 13 12.97 -19.18 13.90
N PRO A 14 14.20 -18.95 14.38
CA PRO A 14 14.37 -18.72 15.82
C PRO A 14 13.65 -17.46 16.25
N LEU A 15 13.07 -17.52 17.44
CA LEU A 15 12.35 -16.38 18.02
C LEU A 15 13.16 -15.11 18.27
N SER A 16 14.47 -15.21 18.38
CA SER A 16 15.33 -14.04 18.43
C SER A 16 15.31 -13.22 17.13
N LYS A 17 14.82 -13.77 16.02
CA LYS A 17 14.72 -13.02 14.76
C LYS A 17 13.37 -12.33 14.63
N VAL A 18 12.47 -12.53 15.60
CA VAL A 18 11.13 -11.96 15.57
C VAL A 18 11.02 -10.87 16.67
N PRO A 19 11.06 -9.58 16.27
CA PRO A 19 10.93 -8.51 17.25
C PRO A 19 9.59 -8.55 17.99
N LEU A 20 9.60 -7.91 19.14
CA LEU A 20 8.43 -7.73 19.93
C LEU A 20 8.16 -6.23 20.03
N GLN A 21 6.95 -5.82 19.74
CA GLN A 21 6.57 -4.44 19.90
C GLN A 21 6.84 -3.93 21.31
N GLN A 22 7.65 -2.87 21.41
CA GLN A 22 8.07 -2.34 22.71
C GLN A 22 6.86 -1.69 23.35
N ASN A 23 6.69 -1.94 24.64
CA ASN A 23 5.63 -1.35 25.48
C ASN A 23 4.23 -1.54 24.92
N PHE A 24 3.86 -2.79 24.68
CA PHE A 24 2.60 -3.10 24.02
C PHE A 24 1.43 -2.62 24.87
N GLN A 25 0.44 -2.05 24.20
CA GLN A 25 -0.72 -1.44 24.81
C GLN A 25 -1.98 -2.21 24.40
N ASP A 26 -2.33 -3.22 25.19
CA ASP A 26 -3.44 -4.12 24.90
C ASP A 26 -4.80 -3.43 24.63
N ASN A 27 -5.10 -2.38 25.36
CA ASN A 27 -6.34 -1.66 25.08
C ASN A 27 -6.35 -1.01 23.70
N GLN A 28 -5.21 -0.52 23.25
CA GLN A 28 -5.16 0.27 22.01
C GLN A 28 -5.21 -0.59 20.78
N PHE A 29 -4.81 -1.82 20.96
CA PHE A 29 -4.79 -2.79 19.91
C PHE A 29 -6.15 -3.43 19.61
N GLN A 30 -7.13 -3.33 20.52
CA GLN A 30 -8.42 -3.97 20.29
C GLN A 30 -9.19 -3.34 19.13
N GLY A 31 -10.24 -4.02 18.70
CA GLY A 31 -11.01 -3.59 17.53
C GLY A 31 -10.69 -4.38 16.28
N LYS A 32 -11.28 -3.94 15.16
CA LYS A 32 -11.16 -4.63 13.89
C LYS A 32 -9.87 -4.32 13.14
N TRP A 33 -9.27 -5.39 12.60
CA TRP A 33 -8.08 -5.30 11.76
C TRP A 33 -8.34 -6.10 10.50
N TYR A 34 -7.99 -5.55 9.34
CA TYR A 34 -8.12 -6.29 8.10
C TYR A 34 -6.80 -6.98 7.82
N VAL A 35 -6.86 -8.20 7.30
CA VAL A 35 -5.66 -8.89 6.90
C VAL A 35 -5.25 -8.53 5.48
N VAL A 36 -4.32 -7.58 5.38
CA VAL A 36 -3.91 -7.04 4.08
C VAL A 36 -2.69 -7.75 3.53
N GLY A 37 -2.00 -8.49 4.37
CA GLY A 37 -0.88 -9.30 3.92
C GLY A 37 -0.76 -10.55 4.73
N LEU A 38 -0.24 -11.59 4.10
CA LEU A 38 -0.15 -12.88 4.76
C LEU A 38 1.06 -13.60 4.20
N ALA A 39 1.94 -14.05 5.08
CA ALA A 39 3.09 -14.82 4.67
C ALA A 39 3.32 -16.00 5.60
N GLY A 40 3.78 -17.10 5.07
CA GLY A 40 3.99 -18.27 5.90
C GLY A 40 4.49 -19.48 5.16
N ASN A 41 4.95 -20.46 5.93
CA ASN A 41 5.46 -21.65 5.33
C ASN A 41 4.40 -22.60 4.78
N ALA A 42 3.12 -22.31 5.02
CA ALA A 42 1.99 -23.00 4.41
C ALA A 42 1.09 -22.06 3.63
N ILE A 43 1.57 -20.87 3.35
CA ILE A 43 0.86 -19.90 2.53
C ILE A 43 1.46 -20.03 1.15
N LEU A 44 0.64 -20.12 0.12
CA LEU A 44 1.12 -20.31 -1.26
C LEU A 44 0.26 -19.50 -2.24
N ARG A 45 0.88 -18.70 -3.13
CA ARG A 45 0.14 -18.00 -4.19
C ARG A 45 -0.53 -18.99 -5.13
N GLU A 46 -1.87 -18.98 -5.15
CA GLU A 46 -2.68 -19.62 -6.17
C GLU A 46 -3.16 -18.50 -7.10
N ASP A 47 -2.64 -18.50 -8.32
CA ASP A 47 -2.93 -17.44 -9.32
C ASP A 47 -4.40 -17.47 -9.76
N LYS A 48 -4.87 -18.67 -10.13
CA LYS A 48 -6.24 -18.90 -10.63
C LYS A 48 -7.33 -18.65 -9.58
N ASP A 49 -7.11 -19.06 -8.32
CA ASP A 49 -8.02 -18.72 -7.21
C ASP A 49 -7.35 -17.85 -6.10
N PRO A 50 -7.41 -16.51 -6.22
CA PRO A 50 -6.70 -15.68 -5.24
C PRO A 50 -7.44 -15.64 -3.91
N GLN A 51 -6.67 -15.61 -2.83
CA GLN A 51 -7.20 -15.51 -1.48
C GLN A 51 -7.98 -14.18 -1.24
N LYS A 52 -9.15 -14.29 -0.60
CA LYS A 52 -10.00 -13.12 -0.26
C LYS A 52 -9.63 -12.54 1.07
N MET A 53 -9.73 -11.23 1.17
CA MET A 53 -9.40 -10.55 2.43
C MET A 53 -10.41 -10.97 3.51
N TYR A 54 -9.90 -11.15 4.72
CA TYR A 54 -10.74 -11.38 5.86
C TYR A 54 -10.35 -10.38 6.97
N ALA A 55 -11.14 -10.36 8.04
CA ALA A 55 -10.92 -9.43 9.15
C ALA A 55 -10.84 -10.18 10.46
N THR A 56 -10.14 -9.59 11.41
CA THR A 56 -9.99 -10.17 12.71
C THR A 56 -10.23 -9.06 13.73
N ILE A 57 -11.11 -9.33 14.69
CA ILE A 57 -11.57 -8.38 15.72
C ILE A 57 -11.06 -8.82 17.08
N TYR A 58 -10.31 -7.96 17.74
CA TYR A 58 -9.73 -8.24 19.07
C TYR A 58 -10.53 -7.55 20.16
N GLU A 59 -11.14 -8.29 21.10
CA GLU A 59 -11.88 -7.69 22.22
C GLU A 59 -11.17 -8.04 23.50
N LEU A 60 -10.77 -7.03 24.22
CA LEU A 60 -10.03 -7.22 25.46
C LEU A 60 -11.02 -7.54 26.55
N LYS A 61 -10.75 -8.56 27.34
CA LYS A 61 -11.69 -8.98 28.40
C LYS A 61 -11.28 -8.54 29.79
N GLU A 62 -12.19 -8.70 30.76
CA GLU A 62 -11.95 -8.31 32.16
C GLU A 62 -10.61 -8.87 32.68
N ASP A 63 -10.32 -10.12 32.32
CA ASP A 63 -9.13 -10.82 32.73
C ASP A 63 -7.88 -10.62 31.85
N LYS A 64 -7.93 -9.68 30.90
CA LYS A 64 -6.80 -9.27 30.04
C LYS A 64 -6.43 -10.24 28.92
N SER A 65 -7.23 -11.26 28.68
CA SER A 65 -7.05 -12.05 27.48
C SER A 65 -7.89 -11.43 26.39
N TYR A 66 -7.57 -11.77 25.15
CA TYR A 66 -8.36 -11.32 24.02
C TYR A 66 -9.34 -12.39 23.56
N ASN A 67 -10.56 -11.95 23.30
CA ASN A 67 -11.45 -12.67 22.49
C ASN A 67 -11.20 -12.24 21.06
N VAL A 68 -10.88 -13.19 20.20
CA VAL A 68 -10.47 -12.90 18.84
C VAL A 68 -11.41 -13.57 17.88
N THR A 69 -12.08 -12.78 17.05
CA THR A 69 -13.06 -13.30 16.10
C THR A 69 -12.61 -12.93 14.72
N SER A 70 -12.50 -13.94 13.86
CA SER A 70 -12.22 -13.71 12.45
C SER A 70 -13.46 -13.92 11.63
N VAL A 71 -13.65 -13.07 10.64
CA VAL A 71 -14.83 -13.08 9.79
C VAL A 71 -14.39 -13.28 8.35
N LEU A 72 -14.94 -14.30 7.69
CA LEU A 72 -14.52 -14.68 6.35
C LEU A 72 -15.71 -14.78 5.46
N PHE A 73 -15.50 -14.61 4.15
CA PHE A 73 -16.54 -14.85 3.18
C PHE A 73 -16.21 -16.17 2.51
N ARG A 74 -16.92 -17.24 2.88
CA ARG A 74 -16.69 -18.62 2.38
C ARG A 74 -18.00 -19.25 1.91
N LYS A 75 -18.00 -19.74 0.69
CA LYS A 75 -19.17 -20.44 0.10
C LYS A 75 -20.45 -19.63 0.26
N LYS A 76 -20.37 -18.35 -0.09
CA LYS A 76 -21.54 -17.44 -0.16
C LYS A 76 -22.15 -16.95 1.21
N LYS A 77 -21.39 -17.13 2.29
CA LYS A 77 -21.85 -16.90 3.67
C LYS A 77 -20.73 -16.30 4.47
N CYS A 78 -21.07 -15.69 5.60
CA CYS A 78 -20.05 -15.22 6.54
C CYS A 78 -19.78 -16.30 7.53
N ASP A 79 -18.52 -16.63 7.73
CA ASP A 79 -18.26 -17.44 8.89
C ASP A 79 -17.27 -16.84 9.82
N TYR A 80 -17.46 -17.27 11.04
CA TYR A 80 -16.93 -16.67 12.22
C TYR A 80 -16.11 -17.75 12.91
N TRP A 81 -14.81 -17.54 13.06
CA TRP A 81 -13.99 -18.40 13.89
C TRP A 81 -13.64 -17.58 15.12
N ILE A 82 -14.12 -18.02 16.27
CA ILE A 82 -13.73 -17.43 17.54
C ILE A 82 -12.63 -18.21 18.30
N ARG A 83 -11.63 -17.49 18.82
CA ARG A 83 -10.67 -18.09 19.74
C ARG A 83 -10.14 -17.10 20.78
N THR A 84 -9.50 -17.63 21.83
CA THR A 84 -9.02 -16.86 22.94
C THR A 84 -7.49 -16.76 22.88
N PHE A 85 -6.95 -15.53 22.95
CA PHE A 85 -5.49 -15.32 23.15
C PHE A 85 -5.18 -14.94 24.61
N VAL A 86 -4.43 -15.79 25.28
CA VAL A 86 -4.08 -15.63 26.67
C VAL A 86 -2.69 -15.00 26.74
N PRO A 87 -2.51 -13.94 27.56
CA PRO A 87 -1.20 -13.30 27.74
C PRO A 87 -0.07 -14.28 28.07
N GLY A 88 1.06 -14.09 27.41
CA GLY A 88 2.24 -14.96 27.53
C GLY A 88 3.30 -14.34 28.42
N SER A 89 4.56 -14.61 28.12
CA SER A 89 5.71 -14.22 28.98
C SER A 89 5.98 -12.73 29.05
N GLN A 90 5.78 -12.04 27.95
CA GLN A 90 6.04 -10.61 27.80
C GLN A 90 4.79 -9.95 27.24
N PRO A 91 4.57 -8.64 27.48
CA PRO A 91 3.41 -7.94 26.90
C PRO A 91 3.51 -7.92 25.40
N GLY A 92 2.42 -8.25 24.73
CA GLY A 92 2.43 -8.46 23.29
C GLY A 92 2.61 -9.87 22.77
N GLU A 93 2.90 -10.82 23.67
CA GLU A 93 2.86 -12.23 23.39
C GLU A 93 1.66 -12.94 23.96
N PHE A 94 1.16 -13.91 23.21
CA PHE A 94 0.04 -14.71 23.65
C PHE A 94 0.21 -16.18 23.35
N THR A 95 -0.50 -17.00 24.10
CA THR A 95 -0.81 -18.40 23.73
C THR A 95 -2.31 -18.52 23.46
N LEU A 96 -2.70 -19.66 22.94
CA LEU A 96 -4.08 -19.95 22.62
C LEU A 96 -4.73 -20.56 23.84
N GLY A 97 -5.89 -20.02 24.23
CA GLY A 97 -6.68 -20.64 25.31
C GLY A 97 -7.30 -21.97 24.91
N ASN A 98 -7.67 -22.78 25.89
CA ASN A 98 -8.30 -24.07 25.65
C ASN A 98 -7.63 -24.89 24.54
N ILE A 99 -6.31 -24.91 24.52
CA ILE A 99 -5.55 -25.63 23.51
C ILE A 99 -5.91 -27.14 23.37
N LYS A 100 -6.33 -27.77 24.46
CA LYS A 100 -6.76 -29.21 24.43
C LYS A 100 -8.00 -29.50 23.58
N SER A 101 -8.78 -28.46 23.28
CA SER A 101 -9.98 -28.60 22.46
C SER A 101 -9.68 -28.45 20.97
N TYR A 102 -8.42 -28.31 20.57
CA TYR A 102 -8.09 -28.30 19.16
C TYR A 102 -7.36 -29.58 18.79
N PRO A 103 -7.97 -30.39 17.93
CA PRO A 103 -7.36 -31.71 17.73
C PRO A 103 -6.01 -31.59 17.04
N GLY A 104 -5.07 -32.42 17.47
CA GLY A 104 -3.72 -32.42 16.91
C GLY A 104 -2.82 -31.25 17.25
N LEU A 105 -3.32 -30.27 18.00
CA LEU A 105 -2.59 -29.06 18.27
C LEU A 105 -1.81 -29.14 19.57
N THR A 106 -0.48 -28.99 19.51
CA THR A 106 0.37 -29.11 20.72
C THR A 106 0.96 -27.79 21.19
N SER A 107 1.03 -26.79 20.33
CA SER A 107 1.73 -25.57 20.61
C SER A 107 1.13 -24.44 19.79
N TYR A 108 1.12 -23.23 20.33
CA TYR A 108 0.58 -22.07 19.59
C TYR A 108 1.03 -20.76 20.23
N LEU A 109 1.76 -19.95 19.48
CA LEU A 109 2.34 -18.72 20.00
C LEU A 109 1.99 -17.54 19.10
N VAL A 110 1.62 -16.40 19.69
CA VAL A 110 1.38 -15.18 18.94
C VAL A 110 2.34 -14.13 19.47
N ARG A 111 2.92 -13.34 18.57
CA ARG A 111 3.78 -12.22 18.98
C ARG A 111 3.53 -11.00 18.14
N VAL A 112 3.10 -9.91 18.76
CA VAL A 112 2.92 -8.65 18.02
C VAL A 112 4.29 -8.02 17.76
N VAL A 113 4.68 -7.98 16.49
CA VAL A 113 6.02 -7.58 16.08
C VAL A 113 6.16 -6.08 16.05
N SER A 114 5.17 -5.40 15.48
CA SER A 114 5.08 -3.97 15.56
C SER A 114 3.70 -3.48 15.24
N THR A 115 3.34 -2.32 15.79
CA THR A 115 2.12 -1.65 15.45
C THR A 115 2.16 -0.19 15.85
N ASN A 116 1.37 0.62 15.18
CA ASN A 116 1.09 1.97 15.63
C ASN A 116 -0.38 2.14 16.05
N TYR A 117 -1.10 1.02 16.15
CA TYR A 117 -2.42 0.94 16.77
C TYR A 117 -3.58 1.48 16.00
N ASN A 118 -3.44 2.65 15.41
CA ASN A 118 -4.53 3.25 14.58
C ASN A 118 -4.40 3.08 13.02
N GLN A 119 -3.33 2.44 12.53
CA GLN A 119 -3.17 2.21 11.07
C GLN A 119 -2.75 0.80 10.73
N HIS A 120 -1.64 0.33 11.30
CA HIS A 120 -1.08 -0.92 10.87
C HIS A 120 -0.54 -1.75 12.00
N ALA A 121 -0.39 -3.06 11.75
CA ALA A 121 0.30 -3.98 12.62
C ALA A 121 0.83 -5.16 11.86
N MET A 122 1.86 -5.77 12.44
CA MET A 122 2.47 -6.98 11.92
C MET A 122 2.49 -7.94 13.09
N VAL A 123 1.91 -9.12 12.90
CA VAL A 123 1.86 -10.11 13.95
C VAL A 123 2.40 -11.45 13.48
N PHE A 124 3.18 -12.09 14.35
CA PHE A 124 3.82 -13.37 14.08
C PHE A 124 3.07 -14.46 14.81
N PHE A 125 2.85 -15.58 14.13
CA PHE A 125 2.21 -16.76 14.71
C PHE A 125 3.08 -17.99 14.48
N LYS A 126 3.09 -18.91 15.42
CA LYS A 126 3.82 -20.16 15.28
C LYS A 126 3.00 -21.23 15.95
N LYS A 127 2.75 -22.35 15.26
CA LYS A 127 2.07 -23.46 15.91
C LYS A 127 2.64 -24.81 15.55
N VAL A 128 2.38 -25.79 16.38
CA VAL A 128 2.76 -27.16 16.07
C VAL A 128 1.47 -27.93 16.08
N SER A 129 1.16 -28.50 14.91
CA SER A 129 -0.03 -29.33 14.74
C SER A 129 0.34 -30.63 14.04
N GLN A 130 -0.10 -31.74 14.58
CA GLN A 130 0.26 -33.03 14.03
C GLN A 130 1.79 -33.15 13.85
N ASN A 131 2.55 -32.59 14.82
CA ASN A 131 4.03 -32.57 14.86
C ASN A 131 4.75 -31.70 13.86
N ARG A 132 3.99 -30.96 13.06
CA ARG A 132 4.58 -30.08 12.07
C ARG A 132 4.58 -28.62 12.55
N GLU A 133 5.67 -27.94 12.33
CA GLU A 133 5.82 -26.57 12.82
C GLU A 133 5.45 -25.53 11.76
N TYR A 134 4.31 -24.88 11.91
CA TYR A 134 3.83 -23.88 10.94
C TYR A 134 4.15 -22.50 11.47
N PHE A 135 4.49 -21.56 10.61
CA PHE A 135 4.54 -20.15 11.03
C PHE A 135 3.98 -19.21 9.97
N LYS A 136 3.46 -18.09 10.46
CA LYS A 136 2.97 -17.09 9.56
C LYS A 136 3.13 -15.70 10.15
N ILE A 137 3.20 -14.74 9.24
CA ILE A 137 3.23 -13.35 9.60
C ILE A 137 2.02 -12.73 8.94
N THR A 138 1.30 -11.94 9.69
CA THR A 138 0.11 -11.28 9.20
C THR A 138 0.36 -9.79 9.22
N LEU A 139 -0.04 -9.11 8.16
CA LEU A 139 0.07 -7.65 8.07
C LEU A 139 -1.35 -7.13 8.24
N TYR A 140 -1.64 -6.50 9.36
CA TYR A 140 -2.96 -6.00 9.67
C TYR A 140 -3.03 -4.51 9.31
N GLY A 141 -4.19 -4.07 8.86
CA GLY A 141 -4.46 -2.67 8.56
C GLY A 141 -5.85 -2.30 9.10
N ARG A 142 -6.00 -1.09 9.65
CA ARG A 142 -7.29 -0.62 10.08
C ARG A 142 -8.17 -0.35 8.87
N THR A 143 -7.60 -0.11 7.71
CA THR A 143 -8.37 -0.04 6.48
C THR A 143 -7.83 -1.10 5.57
N LYS A 144 -8.50 -1.29 4.45
CA LYS A 144 -8.20 -2.39 3.53
C LYS A 144 -7.02 -2.12 2.61
N GLU A 145 -6.71 -0.85 2.38
CA GLU A 145 -5.57 -0.44 1.58
C GLU A 145 -4.42 -0.22 2.51
N LEU A 146 -3.19 -0.45 2.05
CA LEU A 146 -1.99 0.10 2.73
C LEU A 146 -0.90 0.50 1.70
N THR A 147 -0.02 1.39 2.14
CA THR A 147 1.00 1.98 1.27
C THR A 147 1.96 0.92 0.75
N SER A 148 2.51 1.14 -0.44
CA SER A 148 3.62 0.34 -0.94
C SER A 148 4.77 0.22 0.04
N GLU A 149 5.10 1.30 0.72
CA GLU A 149 6.18 1.27 1.69
C GLU A 149 5.95 0.24 2.80
N LEU A 150 4.72 0.12 3.29
CA LEU A 150 4.41 -0.89 4.32
C LEU A 150 4.35 -2.30 3.76
N LYS A 151 3.82 -2.42 2.57
CA LYS A 151 3.81 -3.69 1.86
C LYS A 151 5.22 -4.19 1.59
N GLU A 152 6.10 -3.32 1.12
CA GLU A 152 7.51 -3.70 0.89
C GLU A 152 8.24 -4.06 2.15
N ASN A 153 7.96 -3.34 3.22
CA ASN A 153 8.58 -3.57 4.52
C ASN A 153 8.26 -4.96 5.05
N PHE A 154 7.00 -5.33 4.85
CA PHE A 154 6.48 -6.63 5.21
C PHE A 154 7.09 -7.72 4.39
N ILE A 155 7.30 -7.47 3.10
CA ILE A 155 7.96 -8.45 2.26
C ILE A 155 9.37 -8.61 2.77
N ARG A 156 10.04 -7.52 3.09
CA ARG A 156 11.43 -7.54 3.54
C ARG A 156 11.51 -8.35 4.83
N PHE A 157 10.59 -8.09 5.75
CA PHE A 157 10.56 -8.83 6.99
C PHE A 157 10.30 -10.33 6.79
N SER A 158 9.36 -10.64 5.90
CA SER A 158 9.06 -12.03 5.58
C SER A 158 10.27 -12.78 5.04
N LYS A 159 11.00 -12.11 4.16
CA LYS A 159 12.24 -12.66 3.63
C LYS A 159 13.27 -12.87 4.74
N SER A 160 13.35 -11.97 5.72
CA SER A 160 14.33 -12.13 6.80
C SER A 160 14.09 -13.39 7.66
N LEU A 161 12.86 -13.90 7.71
CA LEU A 161 12.55 -15.19 8.30
C LEU A 161 12.58 -16.37 7.32
N GLY A 162 13.20 -16.22 6.17
CA GLY A 162 13.37 -17.35 5.24
C GLY A 162 12.25 -17.62 4.27
N LEU A 163 11.24 -16.75 4.20
CA LEU A 163 10.16 -16.94 3.23
C LEU A 163 10.41 -16.27 1.87
N PRO A 164 10.39 -17.06 0.77
CA PRO A 164 10.45 -16.47 -0.56
C PRO A 164 9.11 -15.83 -1.03
N GLU A 165 9.21 -15.05 -2.08
CA GLU A 165 8.08 -14.30 -2.68
C GLU A 165 6.79 -15.09 -2.90
N ASN A 166 6.91 -16.35 -3.35
CA ASN A 166 5.72 -17.20 -3.61
C ASN A 166 5.02 -17.71 -2.35
N HIS A 167 5.62 -17.45 -1.19
CA HIS A 167 4.97 -17.66 0.11
C HIS A 167 4.38 -16.41 0.75
N ILE A 168 4.14 -15.38 -0.05
CA ILE A 168 3.64 -14.09 0.46
C ILE A 168 2.44 -13.73 -0.38
N VAL A 169 1.32 -13.40 0.26
CA VAL A 169 0.08 -13.13 -0.48
C VAL A 169 -0.53 -11.86 0.11
N PHE A 170 -1.12 -11.08 -0.78
CA PHE A 170 -1.87 -9.88 -0.46
C PHE A 170 -3.32 -10.17 -0.83
N PRO A 171 -4.13 -10.58 0.15
CA PRO A 171 -5.52 -10.91 -0.10
C PRO A 171 -6.30 -9.76 -0.70
N VAL A 172 -7.21 -10.12 -1.57
CA VAL A 172 -7.92 -9.15 -2.39
C VAL A 172 -9.11 -8.53 -1.58
N PRO A 173 -9.21 -7.18 -1.54
CA PRO A 173 -10.29 -6.55 -0.80
C PRO A 173 -11.66 -6.97 -1.30
N ILE A 174 -12.55 -7.26 -0.37
CA ILE A 174 -13.94 -7.57 -0.65
C ILE A 174 -14.86 -6.73 0.25
N ASP A 175 -16.13 -6.60 -0.14
CA ASP A 175 -17.15 -5.87 0.60
C ASP A 175 -18.03 -6.72 1.51
N GLN A 176 -18.30 -7.96 1.10
CA GLN A 176 -19.12 -8.89 1.86
C GLN A 176 -18.51 -9.24 3.24
N CYS A 177 -19.37 -9.37 4.26
CA CYS A 177 -19.03 -9.84 5.63
C CYS A 177 -18.16 -9.00 6.53
N ILE A 178 -17.07 -8.50 5.98
CA ILE A 178 -16.00 -7.91 6.77
C ILE A 178 -16.11 -6.43 7.06
N ASP A 179 -17.21 -5.76 6.72
CA ASP A 179 -17.28 -4.28 6.83
C ASP A 179 -18.25 -3.62 7.93
N SER B 5 14.54 -30.89 -37.14
CA SER B 5 14.10 -30.45 -35.77
C SER B 5 12.54 -30.48 -35.59
N THR B 6 12.08 -30.22 -34.38
CA THR B 6 10.63 -30.19 -34.01
C THR B 6 10.63 -29.57 -32.60
N SER B 7 9.88 -28.50 -32.40
CA SER B 7 9.64 -27.97 -31.04
C SER B 7 8.41 -27.03 -31.11
N ASP B 8 7.68 -26.91 -29.98
CA ASP B 8 6.50 -26.05 -29.84
C ASP B 8 6.90 -24.82 -29.07
N LEU B 9 6.23 -23.71 -29.36
CA LEU B 9 6.55 -22.45 -28.80
C LEU B 9 5.34 -21.55 -28.65
N ILE B 10 5.36 -20.74 -27.61
CA ILE B 10 4.33 -19.75 -27.44
C ILE B 10 4.56 -18.70 -28.48
N PRO B 11 3.51 -18.32 -29.24
CA PRO B 11 3.65 -17.33 -30.30
C PRO B 11 4.19 -16.02 -29.80
N ALA B 12 5.05 -15.37 -30.57
CA ALA B 12 5.43 -14.00 -30.28
C ALA B 12 4.19 -13.14 -30.32
N PRO B 13 4.12 -12.17 -29.42
CA PRO B 13 3.01 -11.26 -29.48
C PRO B 13 3.11 -10.36 -30.69
N PRO B 14 1.98 -9.78 -31.12
CA PRO B 14 2.12 -8.58 -32.01
C PRO B 14 2.86 -7.40 -31.35
N LEU B 15 3.68 -6.72 -32.13
CA LEU B 15 4.42 -5.55 -31.65
C LEU B 15 3.59 -4.41 -31.12
N SER B 16 2.32 -4.29 -31.52
CA SER B 16 1.42 -3.31 -30.94
C SER B 16 1.12 -3.54 -29.45
N LYS B 17 1.43 -4.73 -28.92
CA LYS B 17 1.26 -5.01 -27.50
C LYS B 17 2.52 -4.70 -26.70
N VAL B 18 3.59 -4.25 -27.37
CA VAL B 18 4.88 -3.96 -26.73
C VAL B 18 5.14 -2.47 -26.79
N PRO B 19 4.93 -1.77 -25.69
CA PRO B 19 5.25 -0.34 -25.67
C PRO B 19 6.68 0.01 -25.99
N LEU B 20 6.86 1.24 -26.42
CA LEU B 20 8.18 1.80 -26.62
C LEU B 20 8.40 2.96 -25.64
N GLN B 21 9.49 2.92 -24.92
CA GLN B 21 9.83 4.01 -24.02
C GLN B 21 9.77 5.33 -24.80
N GLN B 22 8.96 6.26 -24.31
CA GLN B 22 8.86 7.57 -24.91
C GLN B 22 10.14 8.33 -24.75
N ASN B 23 10.55 9.03 -25.81
CA ASN B 23 11.68 9.93 -25.80
C ASN B 23 12.95 9.27 -25.21
N PHE B 24 13.34 8.16 -25.78
CA PHE B 24 14.47 7.40 -25.25
C PHE B 24 15.76 8.20 -25.29
N GLN B 25 16.54 8.08 -24.20
CA GLN B 25 17.75 8.82 -23.97
C GLN B 25 18.93 7.86 -23.93
N ASP B 26 19.53 7.62 -25.09
CA ASP B 26 20.63 6.67 -25.22
C ASP B 26 21.81 6.90 -24.28
N ASN B 27 22.15 8.15 -24.01
CA ASN B 27 23.25 8.43 -23.11
C ASN B 27 22.95 8.02 -21.65
N GLN B 28 21.71 8.16 -21.23
CA GLN B 28 21.33 7.88 -19.86
C GLN B 28 21.21 6.39 -19.60
N PHE B 29 20.99 5.61 -20.65
CA PHE B 29 20.82 4.20 -20.56
C PHE B 29 22.11 3.40 -20.50
N GLN B 30 23.23 4.00 -20.87
CA GLN B 30 24.49 3.24 -20.87
C GLN B 30 24.95 2.83 -19.46
N GLY B 31 25.96 1.97 -19.41
CA GLY B 31 26.45 1.43 -18.17
C GLY B 31 25.92 0.05 -17.89
N LYS B 32 26.22 -0.44 -16.69
CA LYS B 32 25.92 -1.80 -16.31
C LYS B 32 24.46 -1.91 -15.86
N TRP B 33 23.84 -2.99 -16.30
CA TRP B 33 22.51 -3.36 -15.85
C TRP B 33 22.55 -4.84 -15.46
N TYR B 34 21.95 -5.16 -14.33
CA TYR B 34 21.89 -6.54 -13.91
C TYR B 34 20.59 -7.14 -14.33
N VAL B 35 20.62 -8.40 -14.73
CA VAL B 35 19.41 -9.08 -15.21
C VAL B 35 18.72 -9.68 -14.02
N VAL B 36 17.72 -8.97 -13.51
CA VAL B 36 17.00 -9.35 -12.30
C VAL B 36 15.79 -10.19 -12.64
N GLY B 37 15.33 -10.10 -13.88
CA GLY B 37 14.16 -10.88 -14.32
C GLY B 37 14.28 -11.23 -15.77
N LEU B 38 13.69 -12.35 -16.13
CA LEU B 38 13.84 -12.87 -17.47
C LEU B 38 12.62 -13.69 -17.79
N ALA B 39 11.97 -13.37 -18.90
CA ALA B 39 10.81 -14.08 -19.33
C ALA B 39 10.81 -14.30 -20.83
N GLY B 40 10.28 -15.42 -21.28
CA GLY B 40 10.34 -15.72 -22.69
C GLY B 40 9.78 -17.07 -23.05
N ASN B 41 9.58 -17.25 -24.36
CA ASN B 41 9.02 -18.50 -24.85
C ASN B 41 10.00 -19.66 -24.89
N ALA B 42 11.29 -19.39 -24.69
CA ALA B 42 12.34 -20.40 -24.49
C ALA B 42 13.04 -20.26 -23.12
N ILE B 43 12.42 -19.53 -22.18
CA ILE B 43 12.87 -19.43 -20.79
C ILE B 43 12.02 -20.41 -20.00
N LEU B 44 12.65 -21.24 -19.18
CA LEU B 44 11.94 -22.23 -18.35
C LEU B 44 12.55 -22.30 -16.95
N ARG B 45 11.74 -22.23 -15.90
CA ARG B 45 12.21 -22.52 -14.53
C ARG B 45 12.70 -23.97 -14.39
N GLU B 46 14.00 -24.12 -14.09
CA GLU B 46 14.55 -25.38 -13.59
C GLU B 46 14.67 -25.20 -12.07
N ASP B 47 13.87 -25.95 -11.30
CA ASP B 47 13.83 -25.82 -9.82
C ASP B 47 15.16 -26.27 -9.18
N LYS B 48 15.62 -27.46 -9.59
CA LYS B 48 16.86 -28.08 -9.05
C LYS B 48 18.14 -27.32 -9.43
N ASP B 49 18.21 -26.79 -10.65
CA ASP B 49 19.34 -25.90 -11.06
C ASP B 49 18.86 -24.47 -11.43
N PRO B 50 18.77 -23.55 -10.44
CA PRO B 50 18.26 -22.22 -10.74
C PRO B 50 19.24 -21.38 -11.54
N GLN B 51 18.71 -20.57 -12.45
CA GLN B 51 19.52 -19.66 -13.25
C GLN B 51 20.25 -18.59 -12.40
N LYS B 52 21.53 -18.37 -12.71
CA LYS B 52 22.36 -17.36 -12.02
C LYS B 52 22.23 -16.01 -12.67
N MET B 53 22.29 -14.98 -11.86
CA MET B 53 22.23 -13.62 -12.39
C MET B 53 23.44 -13.32 -13.26
N TYR B 54 23.21 -12.58 -14.35
CA TYR B 54 24.25 -12.07 -15.20
C TYR B 54 24.03 -10.58 -15.43
N ALA B 55 25.03 -9.94 -16.04
CA ALA B 55 25.03 -8.50 -16.26
C ALA B 55 25.27 -8.18 -17.70
N THR B 56 24.73 -7.04 -18.12
CA THR B 56 24.88 -6.58 -19.45
C THR B 56 25.27 -5.10 -19.37
N ILE B 57 26.35 -4.76 -20.05
CA ILE B 57 26.92 -3.41 -20.04
C ILE B 57 26.73 -2.78 -21.38
N TYR B 58 26.13 -1.60 -21.40
CA TYR B 58 25.86 -0.85 -22.64
C TYR B 58 26.82 0.31 -22.77
N GLU B 59 27.69 0.31 -23.77
CA GLU B 59 28.65 1.45 -23.97
C GLU B 59 28.24 2.17 -25.26
N LEU B 60 27.89 3.44 -25.16
CA LEU B 60 27.46 4.21 -26.29
C LEU B 60 28.66 4.63 -27.07
N LYS B 61 28.66 4.45 -28.39
CA LYS B 61 29.81 4.76 -29.23
C LYS B 61 29.67 6.08 -29.95
N GLU B 62 30.77 6.58 -30.51
CA GLU B 62 30.79 7.84 -31.28
C GLU B 62 29.66 7.89 -32.30
N ASP B 63 29.43 6.76 -32.98
CA ASP B 63 28.41 6.60 -34.03
C ASP B 63 26.98 6.25 -33.55
N LYS B 64 26.74 6.29 -32.25
CA LYS B 64 25.43 6.11 -31.62
C LYS B 64 24.89 4.69 -31.55
N SER B 65 25.71 3.71 -31.90
CA SER B 65 25.33 2.34 -31.62
C SER B 65 25.90 1.95 -30.27
N TYR B 66 25.36 0.89 -29.72
CA TYR B 66 25.84 0.38 -28.46
C TYR B 66 26.75 -0.78 -28.69
N ASN B 67 27.86 -0.76 -27.97
CA ASN B 67 28.61 -1.94 -27.70
C ASN B 67 28.03 -2.59 -26.45
N VAL B 68 27.59 -3.84 -26.57
CA VAL B 68 26.84 -4.50 -25.52
C VAL B 68 27.57 -5.75 -25.12
N THR B 69 27.95 -5.83 -23.87
CA THR B 69 28.73 -6.95 -23.36
C THR B 69 27.97 -7.57 -22.24
N SER B 70 27.73 -8.86 -22.33
CA SER B 70 27.16 -9.60 -21.25
C SER B 70 28.22 -10.44 -20.57
N VAL B 71 28.17 -10.49 -19.24
CA VAL B 71 29.16 -11.22 -18.45
C VAL B 71 28.45 -12.26 -17.56
N LEU B 72 28.84 -13.53 -17.68
CA LEU B 72 28.16 -14.66 -17.05
C LEU B 72 29.16 -15.44 -16.27
N PHE B 73 28.70 -16.13 -15.24
CA PHE B 73 29.53 -17.08 -14.50
C PHE B 73 29.11 -18.53 -14.92
N ARG B 74 29.90 -19.19 -15.77
CA ARG B 74 29.60 -20.52 -16.34
C ARG B 74 30.84 -21.43 -16.22
N LYS B 75 30.64 -22.59 -15.63
CA LYS B 75 31.68 -23.61 -15.46
C LYS B 75 32.96 -23.02 -14.85
N LYS B 76 32.79 -22.27 -13.77
CA LYS B 76 33.93 -21.74 -12.95
C LYS B 76 34.76 -20.56 -13.58
N LYS B 77 34.19 -19.91 -14.60
CA LYS B 77 34.87 -18.89 -15.43
C LYS B 77 33.90 -17.80 -15.81
N CYS B 78 34.42 -16.66 -16.21
CA CYS B 78 33.60 -15.59 -16.71
C CYS B 78 33.51 -15.76 -18.21
N ASP B 79 32.28 -15.76 -18.73
CA ASP B 79 31.92 -15.80 -20.16
C ASP B 79 31.47 -14.43 -20.59
N TYR B 80 32.02 -13.92 -21.69
CA TYR B 80 31.78 -12.59 -22.20
C TYR B 80 31.19 -12.82 -23.58
N TRP B 81 29.96 -12.35 -23.80
CA TRP B 81 29.40 -12.26 -25.12
C TRP B 81 29.29 -10.79 -25.49
N ILE B 82 30.03 -10.37 -26.52
CA ILE B 82 29.94 -9.02 -27.06
C ILE B 82 29.10 -8.95 -28.35
N ARG B 83 28.23 -7.97 -28.44
CA ARG B 83 27.54 -7.69 -29.71
C ARG B 83 27.24 -6.21 -29.85
N THR B 84 26.87 -5.82 -31.06
CA THR B 84 26.58 -4.44 -31.38
C THR B 84 25.06 -4.26 -31.57
N PHE B 85 24.49 -3.28 -30.88
CA PHE B 85 23.11 -2.83 -31.17
C PHE B 85 23.10 -1.55 -32.00
N VAL B 86 22.54 -1.65 -33.20
CA VAL B 86 22.48 -0.55 -34.09
C VAL B 86 21.11 0.09 -33.94
N PRO B 87 21.04 1.42 -33.80
CA PRO B 87 19.74 2.12 -33.80
C PRO B 87 18.78 1.74 -34.95
N GLY B 88 17.53 1.55 -34.58
CA GLY B 88 16.50 1.16 -35.52
C GLY B 88 15.68 2.35 -35.97
N SER B 89 14.41 2.07 -36.31
CA SER B 89 13.53 3.11 -36.90
C SER B 89 13.20 4.25 -35.97
N GLN B 90 12.95 3.90 -34.70
CA GLN B 90 12.52 4.83 -33.68
C GLN B 90 13.57 4.78 -32.60
N PRO B 91 13.84 5.91 -31.92
CA PRO B 91 14.71 5.84 -30.73
C PRO B 91 14.24 4.83 -29.68
N GLY B 92 15.18 4.04 -29.18
CA GLY B 92 14.88 2.95 -28.25
C GLY B 92 14.66 1.59 -28.88
N GLU B 93 14.61 1.55 -30.21
CA GLU B 93 14.68 0.30 -30.97
C GLU B 93 16.06 0.08 -31.52
N PHE B 94 16.48 -1.19 -31.50
CA PHE B 94 17.74 -1.57 -32.11
C PHE B 94 17.60 -2.84 -32.93
N THR B 95 18.49 -2.97 -33.90
CA THR B 95 18.76 -4.24 -34.53
C THR B 95 20.18 -4.64 -34.17
N LEU B 96 20.50 -5.87 -34.56
CA LEU B 96 21.80 -6.44 -34.26
C LEU B 96 22.75 -6.11 -35.41
N GLY B 97 23.93 -5.57 -35.09
CA GLY B 97 24.98 -5.32 -36.08
C GLY B 97 25.52 -6.62 -36.64
N ASN B 98 26.04 -6.54 -37.84
CA ASN B 98 26.48 -7.70 -38.60
C ASN B 98 25.63 -8.96 -38.40
N ILE B 99 24.33 -8.82 -38.57
CA ILE B 99 23.39 -9.94 -38.50
C ILE B 99 23.74 -11.11 -39.43
N LYS B 100 24.36 -10.85 -40.57
CA LYS B 100 24.70 -11.88 -41.52
C LYS B 100 25.85 -12.80 -41.05
N SER B 101 26.56 -12.40 -40.00
CA SER B 101 27.61 -13.21 -39.40
C SER B 101 27.08 -14.17 -38.32
N TYR B 102 25.78 -14.17 -38.05
CA TYR B 102 25.21 -15.13 -37.12
C TYR B 102 24.50 -16.19 -37.96
N PRO B 103 24.99 -17.45 -37.95
CA PRO B 103 24.32 -18.45 -38.79
C PRO B 103 22.87 -18.74 -38.37
N GLY B 104 22.02 -18.93 -39.36
CA GLY B 104 20.61 -19.23 -39.15
C GLY B 104 19.76 -18.09 -38.64
N LEU B 105 20.35 -16.93 -38.39
CA LEU B 105 19.64 -15.79 -37.80
C LEU B 105 19.12 -14.86 -38.89
N THR B 106 17.81 -14.71 -39.00
CA THR B 106 17.23 -13.85 -40.06
C THR B 106 16.63 -12.54 -39.57
N SER B 107 16.28 -12.46 -38.28
CA SER B 107 15.66 -11.27 -37.69
C SER B 107 16.12 -11.09 -36.27
N TYR B 108 16.21 -9.86 -35.82
CA TYR B 108 16.56 -9.59 -34.45
C TYR B 108 16.17 -8.16 -34.14
N LEU B 109 15.34 -8.01 -33.13
CA LEU B 109 14.81 -6.72 -32.78
C LEU B 109 14.89 -6.52 -31.28
N VAL B 110 15.31 -5.32 -30.87
CA VAL B 110 15.36 -4.96 -29.48
C VAL B 110 14.45 -3.76 -29.34
N ARG B 111 13.63 -3.74 -28.29
CA ARG B 111 12.82 -2.58 -28.00
C ARG B 111 12.84 -2.28 -26.51
N VAL B 112 13.32 -1.08 -26.14
CA VAL B 112 13.25 -0.65 -24.73
C VAL B 112 11.81 -0.26 -24.43
N VAL B 113 11.17 -1.05 -23.57
CA VAL B 113 9.76 -0.91 -23.26
C VAL B 113 9.55 0.21 -22.24
N SER B 114 10.35 0.23 -21.19
CA SER B 114 10.33 1.32 -20.25
C SER B 114 11.53 1.33 -19.37
N THR B 115 11.90 2.51 -18.91
CA THR B 115 13.02 2.67 -18.03
C THR B 115 12.98 4.05 -17.36
N ASN B 116 13.53 4.14 -16.16
CA ASN B 116 13.77 5.41 -15.53
C ASN B 116 15.29 5.71 -15.45
N TYR B 117 16.09 4.90 -16.14
CA TYR B 117 17.53 5.11 -16.34
C TYR B 117 18.45 4.85 -15.15
N ASN B 118 18.10 5.34 -13.96
CA ASN B 118 18.97 5.19 -12.75
C ASN B 118 18.56 4.03 -11.81
N GLN B 119 17.48 3.31 -12.14
CA GLN B 119 17.06 2.21 -11.31
C GLN B 119 16.68 0.96 -12.08
N HIS B 120 15.75 1.07 -13.00
CA HIS B 120 15.20 -0.10 -13.67
C HIS B 120 14.97 0.10 -15.14
N ALA B 121 14.88 -1.01 -15.84
CA ALA B 121 14.43 -1.05 -17.22
C ALA B 121 13.82 -2.38 -17.58
N MET B 122 12.95 -2.33 -18.58
CA MET B 122 12.32 -3.52 -19.16
C MET B 122 12.61 -3.46 -20.64
N VAL B 123 13.22 -4.51 -21.18
CA VAL B 123 13.55 -4.55 -22.59
C VAL B 123 12.98 -5.78 -23.24
N PHE B 124 12.47 -5.61 -24.44
CA PHE B 124 11.87 -6.70 -25.24
C PHE B 124 12.79 -7.08 -26.37
N PHE B 125 12.95 -8.39 -26.59
CA PHE B 125 13.78 -8.92 -27.67
C PHE B 125 12.95 -9.89 -28.50
N LYS B 126 13.19 -9.92 -29.79
CA LYS B 126 12.47 -10.85 -30.68
C LYS B 126 13.42 -11.27 -31.76
N LYS B 127 13.56 -12.56 -31.98
CA LYS B 127 14.41 -13.01 -33.06
C LYS B 127 13.83 -14.18 -33.85
N VAL B 128 14.27 -14.32 -35.08
CA VAL B 128 13.89 -15.46 -35.89
C VAL B 128 15.16 -16.14 -36.26
N SER B 129 15.28 -17.40 -35.81
CA SER B 129 16.46 -18.22 -36.03
C SER B 129 15.99 -19.56 -36.50
N GLN B 130 16.52 -20.01 -37.63
CA GLN B 130 16.09 -21.28 -38.24
C GLN B 130 14.56 -21.35 -38.38
N ASN B 131 13.97 -20.21 -38.75
CA ASN B 131 12.52 -20.00 -38.95
C ASN B 131 11.62 -19.98 -37.72
N ARG B 132 12.21 -20.10 -36.55
CA ARG B 132 11.43 -20.13 -35.33
C ARG B 132 11.48 -18.77 -34.68
N GLU B 133 10.33 -18.32 -34.21
CA GLU B 133 10.24 -16.99 -33.63
C GLU B 133 10.38 -16.98 -32.06
N TYR B 134 11.49 -16.48 -31.54
CA TYR B 134 11.77 -16.47 -30.12
C TYR B 134 11.53 -15.10 -29.59
N PHE B 135 10.99 -14.99 -28.38
CA PHE B 135 10.92 -13.68 -27.73
C PHE B 135 11.22 -13.74 -26.24
N LYS B 136 11.76 -12.62 -25.75
CA LYS B 136 12.03 -12.49 -24.34
C LYS B 136 11.93 -11.06 -23.86
N ILE B 137 11.64 -10.95 -22.57
CA ILE B 137 11.58 -9.69 -21.90
C ILE B 137 12.54 -9.79 -20.77
N THR B 138 13.36 -8.79 -20.64
CA THR B 138 14.36 -8.74 -19.61
C THR B 138 14.02 -7.59 -18.68
N LEU B 139 14.18 -7.82 -17.38
CA LEU B 139 13.97 -6.80 -16.36
C LEU B 139 15.34 -6.45 -15.84
N TYR B 140 15.80 -5.24 -16.17
CA TYR B 140 17.14 -4.80 -15.80
C TYR B 140 17.03 -3.98 -14.54
N GLY B 141 18.06 -4.05 -13.70
CA GLY B 141 18.20 -3.19 -12.51
C GLY B 141 19.63 -2.67 -12.39
N ARG B 142 19.79 -1.44 -11.91
CA ARG B 142 21.14 -0.90 -11.66
C ARG B 142 21.78 -1.57 -10.48
N THR B 143 20.97 -2.10 -9.58
CA THR B 143 21.52 -2.96 -8.53
C THR B 143 20.90 -4.33 -8.70
N LYS B 144 21.36 -5.29 -7.92
CA LYS B 144 20.92 -6.67 -8.03
C LYS B 144 19.53 -6.94 -7.41
N GLU B 145 19.08 -6.13 -6.47
CA GLU B 145 17.74 -6.28 -5.88
C GLU B 145 16.81 -5.32 -6.62
N LEU B 146 15.51 -5.66 -6.67
CA LEU B 146 14.45 -4.67 -6.99
C LEU B 146 13.17 -4.92 -6.17
N THR B 147 12.33 -3.91 -6.10
CA THR B 147 11.11 -3.96 -5.27
C THR B 147 10.13 -5.00 -5.79
N SER B 148 9.34 -5.60 -4.91
CA SER B 148 8.22 -6.43 -5.33
C SER B 148 7.35 -5.76 -6.35
N GLU B 149 7.07 -4.48 -6.17
CA GLU B 149 6.18 -3.73 -7.07
C GLU B 149 6.69 -3.75 -8.49
N LEU B 150 8.00 -3.63 -8.68
CA LEU B 150 8.60 -3.77 -10.02
C LEU B 150 8.65 -5.20 -10.56
N LYS B 151 8.94 -6.15 -9.67
CA LYS B 151 8.88 -7.56 -9.97
C LYS B 151 7.47 -7.95 -10.42
N GLU B 152 6.47 -7.51 -9.68
CA GLU B 152 5.05 -7.82 -9.98
C GLU B 152 4.61 -7.23 -11.31
N ASN B 153 5.07 -6.01 -11.57
CA ASN B 153 4.72 -5.27 -12.79
C ASN B 153 5.26 -5.94 -14.05
N PHE B 154 6.48 -6.46 -13.92
CA PHE B 154 7.13 -7.30 -14.89
C PHE B 154 6.42 -8.66 -15.13
N ILE B 155 5.93 -9.30 -14.07
CA ILE B 155 5.14 -10.49 -14.25
C ILE B 155 3.86 -10.16 -15.00
N ARG B 156 3.22 -9.06 -14.62
CA ARG B 156 1.92 -8.66 -15.21
C ARG B 156 2.17 -8.44 -16.70
N PHE B 157 3.24 -7.74 -17.02
CA PHE B 157 3.56 -7.46 -18.41
C PHE B 157 3.88 -8.72 -19.20
N SER B 158 4.65 -9.63 -18.60
CA SER B 158 4.96 -10.93 -19.21
C SER B 158 3.71 -11.78 -19.52
N LYS B 159 2.79 -11.82 -18.57
CA LYS B 159 1.51 -12.41 -18.80
C LYS B 159 0.73 -11.73 -19.93
N SER B 160 0.78 -10.41 -20.06
CA SER B 160 0.01 -9.73 -21.12
C SER B 160 0.48 -10.16 -22.52
N LEU B 161 1.73 -10.62 -22.66
CA LEU B 161 2.25 -11.16 -23.91
C LEU B 161 2.07 -12.70 -24.03
N GLY B 162 1.20 -13.30 -23.22
CA GLY B 162 0.94 -14.72 -23.31
C GLY B 162 1.87 -15.65 -22.55
N LEU B 163 2.80 -15.13 -21.76
CA LEU B 163 3.70 -16.02 -21.00
C LEU B 163 3.13 -16.43 -19.62
N PRO B 164 3.00 -17.73 -19.37
CA PRO B 164 2.67 -18.19 -18.01
C PRO B 164 3.85 -18.13 -16.99
N GLU B 165 3.49 -18.23 -15.72
CA GLU B 165 4.42 -18.16 -14.58
C GLU B 165 5.70 -18.99 -14.71
N ASN B 166 5.60 -20.22 -15.24
CA ASN B 166 6.78 -21.09 -15.39
C ASN B 166 7.77 -20.65 -16.48
N HIS B 167 7.36 -19.67 -17.27
CA HIS B 167 8.24 -19.05 -18.24
C HIS B 167 8.84 -17.73 -17.77
N ILE B 168 8.85 -17.49 -16.44
CA ILE B 168 9.35 -16.26 -15.84
C ILE B 168 10.30 -16.62 -14.71
N VAL B 169 11.46 -16.01 -14.73
CA VAL B 169 12.54 -16.41 -13.87
C VAL B 169 13.17 -15.19 -13.32
N PHE B 170 13.51 -15.28 -12.03
CA PHE B 170 14.24 -14.26 -11.31
C PHE B 170 15.59 -14.82 -10.94
N PRO B 171 16.63 -14.51 -11.74
CA PRO B 171 17.95 -15.08 -11.53
C PRO B 171 18.54 -14.70 -10.22
N VAL B 172 19.27 -15.64 -9.64
CA VAL B 172 19.73 -15.54 -8.25
C VAL B 172 21.01 -14.68 -8.21
N PRO B 173 21.06 -13.67 -7.33
CA PRO B 173 22.27 -12.81 -7.23
C PRO B 173 23.52 -13.60 -6.88
N ILE B 174 24.61 -13.29 -7.59
CA ILE B 174 25.93 -13.87 -7.36
C ILE B 174 26.98 -12.77 -7.32
N ASP B 175 28.13 -13.08 -6.74
CA ASP B 175 29.25 -12.15 -6.59
C ASP B 175 30.34 -12.28 -7.65
N GLN B 176 30.56 -13.49 -8.14
CA GLN B 176 31.58 -13.77 -9.16
C GLN B 176 31.28 -13.07 -10.50
N CYS B 177 32.34 -12.60 -11.16
CA CYS B 177 32.30 -12.00 -12.53
C CYS B 177 31.60 -10.69 -12.77
N ILE B 178 30.39 -10.57 -12.23
CA ILE B 178 29.47 -9.50 -12.59
C ILE B 178 29.61 -8.16 -11.83
N ASP B 179 30.65 -7.98 -11.00
CA ASP B 179 30.86 -6.70 -10.26
C ASP B 179 32.19 -5.98 -10.53
N SER C 5 -27.92 35.69 5.82
CA SER C 5 -28.20 36.53 4.60
C SER C 5 -29.37 35.95 3.75
N THR C 6 -29.63 36.62 2.64
CA THR C 6 -30.56 36.22 1.60
C THR C 6 -29.85 35.82 0.27
N SER C 7 -28.53 35.82 0.28
CA SER C 7 -27.70 35.84 -0.93
C SER C 7 -27.53 34.43 -1.57
N ASP C 8 -27.13 34.40 -2.83
CA ASP C 8 -26.88 33.13 -3.49
C ASP C 8 -25.68 32.38 -2.81
N LEU C 9 -25.61 31.08 -3.06
CA LEU C 9 -24.67 30.22 -2.36
C LEU C 9 -24.16 29.16 -3.29
N ILE C 10 -22.91 28.76 -3.11
CA ILE C 10 -22.36 27.65 -3.85
C ILE C 10 -23.08 26.41 -3.34
N PRO C 11 -23.59 25.58 -4.25
CA PRO C 11 -24.34 24.41 -3.85
C PRO C 11 -23.53 23.51 -3.00
N ALA C 12 -24.13 22.90 -1.99
CA ALA C 12 -23.49 21.76 -1.31
C ALA C 12 -23.24 20.64 -2.30
N PRO C 13 -22.10 19.96 -2.15
CA PRO C 13 -21.79 18.91 -3.09
C PRO C 13 -22.60 17.68 -2.74
N PRO C 14 -22.75 16.75 -3.69
CA PRO C 14 -23.38 15.47 -3.35
C PRO C 14 -22.47 14.72 -2.44
N LEU C 15 -23.07 14.00 -1.48
CA LEU C 15 -22.33 13.26 -0.49
C LEU C 15 -21.44 12.18 -1.07
N SER C 16 -21.71 11.71 -2.26
CA SER C 16 -20.81 10.79 -2.95
C SER C 16 -19.44 11.39 -3.35
N LYS C 17 -19.30 12.70 -3.31
CA LYS C 17 -18.01 13.35 -3.56
C LYS C 17 -17.25 13.58 -2.26
N VAL C 18 -17.83 13.23 -1.10
CA VAL C 18 -17.20 13.44 0.21
C VAL C 18 -16.85 12.07 0.80
N PRO C 19 -15.57 11.71 0.74
CA PRO C 19 -15.18 10.42 1.32
C PRO C 19 -15.48 10.31 2.78
N LEU C 20 -15.58 9.06 3.23
CA LEU C 20 -15.73 8.76 4.65
C LEU C 20 -14.47 8.02 5.09
N GLN C 21 -13.84 8.46 6.15
CA GLN C 21 -12.71 7.75 6.68
C GLN C 21 -13.11 6.28 6.95
N GLN C 22 -12.39 5.35 6.32
CA GLN C 22 -12.66 3.93 6.51
C GLN C 22 -12.31 3.51 7.95
N ASN C 23 -13.16 2.69 8.57
CA ASN C 23 -12.99 2.10 9.90
C ASN C 23 -12.64 3.13 10.97
N PHE C 24 -13.49 4.12 11.11
CA PHE C 24 -13.20 5.23 12.00
C PHE C 24 -13.09 4.80 13.42
N GLN C 25 -12.13 5.37 14.11
CA GLN C 25 -11.76 4.99 15.44
C GLN C 25 -12.00 6.14 16.41
N ASP C 26 -13.18 6.15 16.99
CA ASP C 26 -13.63 7.24 17.85
C ASP C 26 -12.71 7.55 19.03
N ASN C 27 -12.13 6.54 19.62
CA ASN C 27 -11.23 6.78 20.75
C ASN C 27 -9.93 7.50 20.33
N GLN C 28 -9.42 7.20 19.13
CA GLN C 28 -8.18 7.76 18.65
C GLN C 28 -8.33 9.16 18.16
N PHE C 29 -9.53 9.54 17.79
CA PHE C 29 -9.82 10.86 17.34
C PHE C 29 -10.01 11.89 18.45
N GLN C 30 -10.23 11.48 19.69
CA GLN C 30 -10.55 12.47 20.75
C GLN C 30 -9.37 13.34 21.10
N GLY C 31 -9.60 14.38 21.87
CA GLY C 31 -8.59 15.33 22.23
C GLY C 31 -8.71 16.62 21.46
N LYS C 32 -7.70 17.47 21.63
CA LYS C 32 -7.68 18.78 21.01
C LYS C 32 -7.20 18.70 19.56
N TRP C 33 -7.88 19.48 18.72
CA TRP C 33 -7.49 19.68 17.34
C TRP C 33 -7.50 21.19 17.11
N TYR C 34 -6.48 21.70 16.43
CA TYR C 34 -6.46 23.09 16.02
C TYR C 34 -7.04 23.22 14.63
N VAL C 35 -7.80 24.26 14.39
CA VAL C 35 -8.35 24.51 13.09
C VAL C 35 -7.33 25.30 12.26
N VAL C 36 -6.58 24.58 11.43
CA VAL C 36 -5.52 25.17 10.63
C VAL C 36 -6.00 25.57 9.25
N GLY C 37 -7.14 25.03 8.83
CA GLY C 37 -7.73 25.39 7.53
C GLY C 37 -9.23 25.34 7.55
N LEU C 38 -9.87 26.17 6.77
CA LEU C 38 -11.32 26.30 6.83
C LEU C 38 -11.79 26.72 5.45
N ALA C 39 -12.70 25.96 4.89
CA ALA C 39 -13.28 26.26 3.59
C ALA C 39 -14.79 26.00 3.57
N GLY C 40 -15.54 26.81 2.84
CA GLY C 40 -16.97 26.69 2.85
C GLY C 40 -17.68 27.72 2.01
N ASN C 41 -18.96 27.47 1.79
CA ASN C 41 -19.75 28.37 0.99
C ASN C 41 -20.19 29.66 1.67
N ALA C 42 -19.93 29.78 2.97
CA ALA C 42 -20.10 31.01 3.72
C ALA C 42 -18.80 31.46 4.41
N ILE C 43 -17.66 30.89 4.00
CA ILE C 43 -16.33 31.29 4.47
C ILE C 43 -15.82 32.23 3.40
N LEU C 44 -15.32 33.38 3.81
CA LEU C 44 -14.79 34.38 2.89
C LEU C 44 -13.51 35.00 3.46
N ARG C 45 -12.44 35.08 2.66
CA ARG C 45 -11.26 35.86 3.06
C ARG C 45 -11.59 37.32 3.26
N GLU C 46 -11.43 37.79 4.50
CA GLU C 46 -11.36 39.23 4.81
C GLU C 46 -9.86 39.58 4.94
N ASP C 47 -9.34 40.36 4.00
CA ASP C 47 -7.89 40.68 3.95
C ASP C 47 -7.46 41.56 5.14
N LYS C 48 -8.22 42.64 5.37
CA LYS C 48 -7.95 43.61 6.44
C LYS C 48 -8.11 43.02 7.87
N ASP C 49 -9.13 42.17 8.10
CA ASP C 49 -9.27 41.44 9.38
C ASP C 49 -9.20 39.90 9.19
N PRO C 50 -7.98 39.32 9.28
CA PRO C 50 -7.86 37.89 9.05
C PRO C 50 -8.41 37.07 10.22
N GLN C 51 -9.02 35.94 9.89
CA GLN C 51 -9.57 35.02 10.88
C GLN C 51 -8.46 34.41 11.80
N LYS C 52 -8.76 34.36 13.11
CA LYS C 52 -7.84 33.82 14.11
C LYS C 52 -8.04 32.37 14.28
N MET C 53 -6.97 31.64 14.54
CA MET C 53 -7.09 30.19 14.78
C MET C 53 -7.88 29.92 16.04
N TYR C 54 -8.69 28.88 15.97
CA TYR C 54 -9.39 28.39 17.14
C TYR C 54 -9.12 26.90 17.30
N ALA C 55 -9.57 26.34 18.42
CA ALA C 55 -9.40 24.89 18.71
C ALA C 55 -10.73 24.22 19.02
N THR C 56 -10.78 22.93 18.77
CA THR C 56 -11.95 22.14 19.00
C THR C 56 -11.47 20.85 19.69
N ILE C 57 -12.08 20.57 20.84
CA ILE C 57 -11.74 19.44 21.71
C ILE C 57 -12.85 18.41 21.69
N TYR C 58 -12.52 17.18 21.34
CA TYR C 58 -13.50 16.08 21.23
C TYR C 58 -13.34 15.17 22.44
N GLU C 59 -14.34 15.06 23.29
CA GLU C 59 -14.29 14.12 24.42
C GLU C 59 -15.31 13.04 24.19
N LEU C 60 -14.84 11.81 24.15
CA LEU C 60 -15.71 10.67 23.93
C LEU C 60 -16.40 10.32 25.23
N LYS C 61 -17.71 10.11 25.19
CA LYS C 61 -18.48 9.84 26.40
C LYS C 61 -18.81 8.36 26.55
N GLU C 62 -19.28 7.97 27.73
CA GLU C 62 -19.67 6.57 28.05
C GLU C 62 -20.61 6.02 26.97
N ASP C 63 -21.52 6.87 26.49
CA ASP C 63 -22.53 6.50 25.49
C ASP C 63 -22.12 6.66 24.02
N LYS C 64 -20.83 6.95 23.78
CA LYS C 64 -20.22 7.00 22.42
C LYS C 64 -20.52 8.23 21.62
N SER C 65 -21.14 9.23 22.23
CA SER C 65 -21.23 10.52 21.54
C SER C 65 -20.08 11.34 21.98
N TYR C 66 -19.83 12.40 21.23
CA TYR C 66 -18.76 13.32 21.57
C TYR C 66 -19.33 14.55 22.20
N ASN C 67 -18.69 14.97 23.26
CA ASN C 67 -18.80 16.30 23.75
C ASN C 67 -17.74 17.11 23.02
N VAL C 68 -18.16 18.14 22.30
CA VAL C 68 -17.29 18.92 21.45
C VAL C 68 -17.28 20.34 21.89
N THR C 69 -16.11 20.83 22.25
CA THR C 69 -15.96 22.18 22.80
C THR C 69 -15.01 22.92 21.92
N SER C 70 -15.45 24.06 21.41
CA SER C 70 -14.58 24.93 20.66
C SER C 70 -14.22 26.11 21.49
N VAL C 71 -12.96 26.53 21.38
CA VAL C 71 -12.43 27.66 22.16
C VAL C 71 -11.91 28.73 21.21
N LEU C 72 -12.39 29.94 21.36
CA LEU C 72 -12.08 31.04 20.47
C LEU C 72 -11.59 32.22 21.24
N PHE C 73 -10.80 33.08 20.61
CA PHE C 73 -10.39 34.35 21.22
C PHE C 73 -11.20 35.43 20.50
N ARG C 74 -12.26 35.94 21.13
CA ARG C 74 -13.20 36.90 20.53
C ARG C 74 -13.42 38.06 21.48
N LYS C 75 -13.20 39.26 20.99
CA LYS C 75 -13.39 40.48 21.79
C LYS C 75 -12.71 40.39 23.15
N LYS C 76 -11.44 39.98 23.14
CA LYS C 76 -10.56 40.04 24.31
C LYS C 76 -10.83 39.01 25.45
N LYS C 77 -11.58 37.97 25.10
CA LYS C 77 -12.06 36.92 26.01
C LYS C 77 -12.01 35.58 25.33
N CYS C 78 -12.03 34.52 26.11
CA CYS C 78 -12.15 33.17 25.57
C CYS C 78 -13.58 32.85 25.53
N ASP C 79 -14.06 32.40 24.38
CA ASP C 79 -15.38 31.82 24.44
C ASP C 79 -15.45 30.44 23.95
N TYR C 80 -16.41 29.77 24.56
CA TYR C 80 -16.52 28.34 24.58
C TYR C 80 -17.87 28.06 23.97
N TRP C 81 -17.89 27.34 22.86
CA TRP C 81 -19.11 26.82 22.34
C TRP C 81 -19.08 25.31 22.54
N ILE C 82 -19.99 24.80 23.38
CA ILE C 82 -20.15 23.36 23.59
C ILE C 82 -21.32 22.79 22.79
N ARG C 83 -21.09 21.67 22.13
CA ARG C 83 -22.17 20.90 21.54
C ARG C 83 -21.90 19.39 21.55
N THR C 84 -22.94 18.62 21.29
CA THR C 84 -22.90 17.18 21.33
C THR C 84 -22.98 16.61 19.91
N PHE C 85 -22.05 15.74 19.56
CA PHE C 85 -22.12 15.00 18.29
C PHE C 85 -22.57 13.58 18.57
N VAL C 86 -23.71 13.24 18.02
CA VAL C 86 -24.30 11.95 18.20
C VAL C 86 -23.94 11.08 16.99
N PRO C 87 -23.48 9.85 17.19
CA PRO C 87 -23.16 8.94 16.07
C PRO C 87 -24.31 8.80 15.05
N GLY C 88 -23.94 8.81 13.76
CA GLY C 88 -24.86 8.75 12.67
C GLY C 88 -24.96 7.35 12.11
N SER C 89 -25.31 7.24 10.83
CA SER C 89 -25.60 5.96 10.21
C SER C 89 -24.40 5.09 10.06
N GLN C 90 -23.23 5.68 9.81
CA GLN C 90 -21.94 4.97 9.63
C GLN C 90 -20.96 5.53 10.63
N PRO C 91 -19.99 4.71 11.11
CA PRO C 91 -18.88 5.26 11.95
C PRO C 91 -18.12 6.37 11.27
N GLY C 92 -17.89 7.44 12.00
CA GLY C 92 -17.29 8.65 11.44
C GLY C 92 -18.27 9.70 10.93
N GLU C 93 -19.58 9.39 10.91
CA GLU C 93 -20.63 10.36 10.72
C GLU C 93 -21.32 10.71 12.05
N PHE C 94 -21.67 11.99 12.20
CA PHE C 94 -22.42 12.45 13.36
C PHE C 94 -23.53 13.41 12.97
N THR C 95 -24.54 13.46 13.81
CA THR C 95 -25.53 14.49 13.83
C THR C 95 -25.40 15.28 15.13
N LEU C 96 -26.11 16.39 15.20
CA LEU C 96 -26.03 17.28 16.32
C LEU C 96 -27.08 16.90 17.35
N GLY C 97 -26.69 16.75 18.60
CA GLY C 97 -27.63 16.50 19.67
C GLY C 97 -28.48 17.73 19.94
N ASN C 98 -29.63 17.53 20.57
CA ASN C 98 -30.52 18.64 20.92
C ASN C 98 -30.72 19.69 19.79
N ILE C 99 -30.88 19.23 18.58
CA ILE C 99 -31.10 20.10 17.42
C ILE C 99 -32.26 21.11 17.57
N LYS C 100 -33.31 20.76 18.30
CA LYS C 100 -34.49 21.65 18.51
C LYS C 100 -34.17 22.90 19.34
N SER C 101 -33.03 22.90 20.04
CA SER C 101 -32.58 24.05 20.79
C SER C 101 -31.70 25.02 19.99
N TYR C 102 -31.53 24.78 18.70
CA TYR C 102 -30.86 25.77 17.84
C TYR C 102 -31.90 26.40 16.92
N PRO C 103 -32.14 27.71 17.06
CA PRO C 103 -33.27 28.27 16.29
C PRO C 103 -33.00 28.27 14.79
N GLY C 104 -34.03 27.97 14.01
CA GLY C 104 -33.91 27.87 12.56
C GLY C 104 -33.15 26.72 11.97
N LEU C 105 -32.60 25.84 12.81
CA LEU C 105 -31.73 24.77 12.35
C LEU C 105 -32.52 23.48 12.12
N THR C 106 -32.52 22.96 10.89
CA THR C 106 -33.35 21.76 10.56
C THR C 106 -32.51 20.52 10.32
N SER C 107 -31.22 20.69 10.06
CA SER C 107 -30.37 19.60 9.63
C SER C 107 -28.96 19.91 10.02
N TYR C 108 -28.19 18.89 10.39
CA TYR C 108 -26.77 19.09 10.68
C TYR C 108 -26.05 17.76 10.59
N LEU C 109 -25.06 17.67 9.69
CA LEU C 109 -24.33 16.44 9.44
C LEU C 109 -22.81 16.68 9.53
N VAL C 110 -22.12 15.78 10.18
CA VAL C 110 -20.65 15.84 10.26
C VAL C 110 -20.15 14.56 9.65
N ARG C 111 -19.10 14.65 8.83
CA ARG C 111 -18.49 13.46 8.27
C ARG C 111 -16.97 13.58 8.30
N VAL C 112 -16.31 12.65 9.01
CA VAL C 112 -14.84 12.65 9.02
C VAL C 112 -14.37 12.09 7.68
N VAL C 113 -13.70 12.92 6.88
CA VAL C 113 -13.30 12.57 5.54
C VAL C 113 -12.02 11.78 5.54
N SER C 114 -11.05 12.22 6.31
CA SER C 114 -9.84 11.43 6.52
C SER C 114 -9.06 11.91 7.70
N THR C 115 -8.34 11.01 8.33
CA THR C 115 -7.47 11.38 9.41
C THR C 115 -6.45 10.30 9.63
N ASN C 116 -5.30 10.68 10.18
CA ASN C 116 -4.34 9.71 10.69
C ASN C 116 -4.27 9.77 12.23
N TYR C 117 -5.18 10.53 12.83
CA TYR C 117 -5.40 10.57 14.29
C TYR C 117 -4.38 11.35 15.12
N ASN C 118 -3.07 11.15 14.89
CA ASN C 118 -2.05 11.85 15.67
C ASN C 118 -1.47 13.11 15.03
N GLN C 119 -1.88 13.44 13.82
CA GLN C 119 -1.31 14.62 13.14
C GLN C 119 -2.39 15.50 12.53
N HIS C 120 -3.21 14.93 11.66
CA HIS C 120 -4.12 15.71 10.89
C HIS C 120 -5.45 15.05 10.68
N ALA C 121 -6.45 15.87 10.37
CA ALA C 121 -7.77 15.41 9.95
C ALA C 121 -8.46 16.43 9.08
N MET C 122 -9.38 15.93 8.28
CA MET C 122 -10.21 16.73 7.43
C MET C 122 -11.64 16.31 7.72
N VAL C 123 -12.48 17.26 8.08
CA VAL C 123 -13.83 16.97 8.41
C VAL C 123 -14.79 17.82 7.61
N PHE C 124 -15.90 17.21 7.20
CA PHE C 124 -16.92 17.87 6.40
C PHE C 124 -18.14 18.11 7.25
N PHE C 125 -18.73 19.31 7.12
CA PHE C 125 -19.94 19.71 7.85
C PHE C 125 -20.98 20.24 6.91
N LYS C 126 -22.24 19.95 7.18
CA LYS C 126 -23.30 20.38 6.27
C LYS C 126 -24.47 20.68 7.17
N LYS C 127 -25.07 21.84 7.02
CA LYS C 127 -26.27 22.12 7.76
C LYS C 127 -27.31 22.89 6.97
N VAL C 128 -28.54 22.84 7.43
CA VAL C 128 -29.59 23.59 6.81
C VAL C 128 -30.15 24.43 7.92
N SER C 129 -30.09 25.73 7.72
CA SER C 129 -30.59 26.71 8.66
C SER C 129 -31.41 27.73 7.91
N GLN C 130 -32.62 28.00 8.36
CA GLN C 130 -33.54 28.92 7.67
C GLN C 130 -33.64 28.56 6.18
N ASN C 131 -33.68 27.27 5.89
CA ASN C 131 -33.76 26.68 4.53
C ASN C 131 -32.54 26.78 3.61
N ARG C 132 -31.46 27.36 4.11
CA ARG C 132 -30.28 27.54 3.33
C ARG C 132 -29.26 26.45 3.68
N GLU C 133 -28.65 25.87 2.66
CA GLU C 133 -27.76 24.77 2.87
C GLU C 133 -26.26 25.26 2.93
N TYR C 134 -25.66 25.21 4.10
CA TYR C 134 -24.29 25.64 4.29
C TYR C 134 -23.39 24.44 4.37
N PHE C 135 -22.16 24.53 3.83
CA PHE C 135 -21.19 23.49 4.04
C PHE C 135 -19.82 24.05 4.29
N LYS C 136 -19.05 23.27 5.03
CA LYS C 136 -17.65 23.61 5.26
C LYS C 136 -16.80 22.42 5.45
N ILE C 137 -15.53 22.61 5.13
CA ILE C 137 -14.54 21.58 5.34
C ILE C 137 -13.52 22.21 6.28
N THR C 138 -13.14 21.46 7.30
CA THR C 138 -12.22 21.93 8.27
C THR C 138 -10.99 21.07 8.18
N LEU C 139 -9.82 21.69 8.26
CA LEU C 139 -8.52 20.97 8.26
C LEU C 139 -8.00 21.05 9.67
N TYR C 140 -8.01 19.94 10.40
CA TYR C 140 -7.61 19.90 11.79
C TYR C 140 -6.15 19.46 11.89
N GLY C 141 -5.42 19.97 12.86
CA GLY C 141 -4.05 19.57 13.13
C GLY C 141 -3.83 19.44 14.65
N ARG C 142 -3.05 18.45 15.08
CA ARG C 142 -2.73 18.30 16.47
C ARG C 142 -1.78 19.40 16.92
N THR C 143 -1.05 20.02 16.01
CA THR C 143 -0.33 21.21 16.32
C THR C 143 -0.82 22.31 15.41
N LYS C 144 -0.36 23.53 15.62
CA LYS C 144 -0.85 24.71 14.91
C LYS C 144 -0.25 24.86 13.52
N GLU C 145 0.93 24.28 13.27
CA GLU C 145 1.55 24.31 11.94
C GLU C 145 1.17 23.01 11.24
N LEU C 146 1.10 23.06 9.92
CA LEU C 146 1.06 21.82 9.09
C LEU C 146 1.82 22.03 7.81
N THR C 147 2.23 20.94 7.21
CA THR C 147 3.07 20.98 6.01
C THR C 147 2.35 21.61 4.84
N SER C 148 3.07 22.26 3.94
CA SER C 148 2.52 22.71 2.67
C SER C 148 1.79 21.60 1.93
N GLU C 149 2.35 20.41 1.95
CA GLU C 149 1.73 19.27 1.24
C GLU C 149 0.29 18.99 1.72
N LEU C 150 0.06 19.08 3.03
CA LEU C 150 -1.28 18.91 3.59
C LEU C 150 -2.19 20.12 3.32
N LYS C 151 -1.62 21.31 3.39
CA LYS C 151 -2.32 22.54 3.04
C LYS C 151 -2.77 22.53 1.59
N GLU C 152 -1.87 22.12 0.71
CA GLU C 152 -2.17 22.02 -0.71
C GLU C 152 -3.23 20.97 -1.03
N ASN C 153 -3.18 19.86 -0.33
CA ASN C 153 -4.12 18.76 -0.50
C ASN C 153 -5.54 19.17 -0.16
N PHE C 154 -5.63 19.96 0.91
CA PHE C 154 -6.87 20.51 1.42
C PHE C 154 -7.45 21.54 0.46
N ILE C 155 -6.60 22.34 -0.15
CA ILE C 155 -7.07 23.25 -1.19
C ILE C 155 -7.60 22.46 -2.38
N ARG C 156 -6.90 21.42 -2.77
CA ARG C 156 -7.31 20.56 -3.89
C ARG C 156 -8.67 19.91 -3.57
N PHE C 157 -8.81 19.38 -2.38
CA PHE C 157 -10.08 18.81 -1.97
C PHE C 157 -11.25 19.83 -1.94
N SER C 158 -10.98 21.02 -1.42
CA SER C 158 -11.96 22.09 -1.39
C SER C 158 -12.43 22.47 -2.78
N LYS C 159 -11.49 22.58 -3.71
CA LYS C 159 -11.83 22.83 -5.13
C LYS C 159 -12.67 21.70 -5.72
N SER C 160 -12.41 20.45 -5.36
CA SER C 160 -13.20 19.34 -5.89
C SER C 160 -14.69 19.44 -5.52
N LEU C 161 -15.00 20.08 -4.40
CA LEU C 161 -16.39 20.35 -3.98
C LEU C 161 -16.94 21.72 -4.49
N GLY C 162 -16.31 22.31 -5.48
CA GLY C 162 -16.76 23.54 -6.05
C GLY C 162 -16.34 24.84 -5.39
N LEU C 163 -15.48 24.80 -4.39
CA LEU C 163 -15.07 26.05 -3.73
C LEU C 163 -13.87 26.69 -4.39
N PRO C 164 -14.00 27.95 -4.80
CA PRO C 164 -12.82 28.71 -5.24
C PRO C 164 -11.90 29.23 -4.12
N GLU C 165 -10.70 29.65 -4.51
CA GLU C 165 -9.64 30.12 -3.58
C GLU C 165 -10.04 31.13 -2.53
N ASN C 166 -10.89 32.09 -2.90
CA ASN C 166 -11.37 33.10 -1.95
C ASN C 166 -12.35 32.56 -0.87
N HIS C 167 -12.79 31.31 -1.04
CA HIS C 167 -13.57 30.63 -0.02
C HIS C 167 -12.76 29.69 0.85
N ILE C 168 -11.44 29.88 0.87
CA ILE C 168 -10.54 29.02 1.65
C ILE C 168 -9.62 29.89 2.51
N VAL C 169 -9.51 29.56 3.80
CA VAL C 169 -8.84 30.40 4.75
C VAL C 169 -7.98 29.53 5.62
N PHE C 170 -6.82 30.05 5.95
CA PHE C 170 -5.87 29.46 6.85
C PHE C 170 -5.76 30.38 8.04
N PRO C 171 -6.52 30.09 9.09
CA PRO C 171 -6.52 30.94 10.26
C PRO C 171 -5.13 31.11 10.90
N VAL C 172 -4.88 32.30 11.41
CA VAL C 172 -3.54 32.67 11.88
C VAL C 172 -3.34 32.12 13.29
N PRO C 173 -2.20 31.46 13.53
CA PRO C 173 -1.91 30.95 14.89
C PRO C 173 -1.86 32.07 15.93
N ILE C 174 -2.48 31.80 17.09
CA ILE C 174 -2.48 32.70 18.24
C ILE C 174 -2.18 31.91 19.52
N ASP C 175 -1.77 32.61 20.55
CA ASP C 175 -1.39 32.03 21.86
C ASP C 175 -2.49 32.08 22.91
N GLN C 176 -3.33 33.11 22.86
CA GLN C 176 -4.43 33.27 23.79
C GLN C 176 -5.48 32.14 23.69
N CYS C 177 -6.02 31.71 24.83
CA CYS C 177 -7.16 30.77 24.95
C CYS C 177 -7.02 29.32 24.53
N ILE C 178 -6.42 29.09 23.36
CA ILE C 178 -6.43 27.80 22.72
C ILE C 178 -5.33 26.79 23.15
N ASP C 179 -4.52 27.07 24.18
CA ASP C 179 -3.42 26.13 24.60
C ASP C 179 -3.54 25.60 26.04
#